data_8SLV
#
_entry.id   8SLV
#
_cell.length_a   48.760
_cell.length_b   51.030
_cell.length_c   70.750
_cell.angle_alpha   101.816
_cell.angle_beta   94.658
_cell.angle_gamma   95.764
#
_symmetry.space_group_name_H-M   'P 1'
#
loop_
_entity.id
_entity.type
_entity.pdbx_description
1 polymer 'Salivary alpha-glucosidase'
2 non-polymer 2-acetamido-2-deoxy-beta-D-glucopyranose
3 non-polymer CYSTEINE
4 non-polymer GLYCEROL
5 non-polymer 2-AMINO-2-HYDROXYMETHYL-PROPANE-1,3-DIOL
6 non-polymer 'ISOPROPYL ALCOHOL'
7 non-polymer 1,3-PROPANDIOL
8 non-polymer 'CALCIUM ION'
9 non-polymer 'CHLORIDE ION'
10 water water
#
_entity_poly.entity_id   1
_entity_poly.type   'polypeptide(L)'
_entity_poly.pdbx_seq_one_letter_code
;MKIFVPLLSFLLAGLTTGLDWWEHGNFYQVYPRSFKDSDGDGIGDLDGVTEKLKYLKDIGMDGVWLSPIFSSPMADFGYD
ISNFREIQTEYGDLDAFQRLSDKCKQLGLHLILDFVPNHTSDQHEYFKKSVQKDETYKDFYVWHPGVHGPNNTKVPPSNW
ISVFRGSSWEWNEERQEFYLHQFLKEQPDLNYRNPAVVEEMKNVLRYWLDRGVSGFRIDAVPYLFESDIIDGRYRNEPES
RTTDDPENPAYLVHTQTMDQPETYDMIYQWRAVLDEYSKTDNRTRIMMTEGYTSLPKIIEFFGNATANGAQIPFNFEVIS
NVKKNSTGADFATYVKRWLDAKPANRRSNWVLGNHDNNRLGSRLGENKIDLYNIALQTLPDIAVTYYGEEIGMLDQWIPW
NETVDPAACRSDEASYSAYSRDPARTPMQWDSGKNAGFSKAAKTWLPVADNYKTLNVKIQDRARKSHLKIFKKLTKYRKR
QILTEGDIDIKVSGENLLVYKRKVDKVGYVVVALNFGTEPVALGLSSLFDRADQRMQVVVSSNRVSTPDNVWVDVDNYVL
IGESGIVLQYLWGKNPIVS
;
_entity_poly.pdbx_strand_id   A
#
# COMPACT_ATOMS: atom_id res chain seq x y z
N GLY A 18 25.47 1.38 -9.53
CA GLY A 18 24.68 2.58 -9.79
C GLY A 18 23.18 2.31 -9.93
N LEU A 19 22.48 2.42 -8.82
CA LEU A 19 21.05 2.11 -8.78
C LEU A 19 20.22 3.25 -9.36
N ASP A 20 19.14 2.90 -10.07
CA ASP A 20 18.12 3.88 -10.37
C ASP A 20 17.46 4.33 -9.06
N TRP A 21 16.81 5.50 -9.09
CA TRP A 21 16.36 6.16 -7.87
C TRP A 21 15.44 5.29 -7.03
N TRP A 22 14.67 4.41 -7.67
CA TRP A 22 13.61 3.68 -6.99
C TRP A 22 14.05 2.32 -6.43
N GLU A 23 15.21 1.78 -6.84
CA GLU A 23 15.50 0.37 -6.61
C GLU A 23 15.74 0.06 -5.14
N HIS A 24 16.29 1.01 -4.39
CA HIS A 24 16.43 0.92 -2.94
C HIS A 24 15.57 2.00 -2.27
N GLY A 25 14.46 2.37 -2.92
CA GLY A 25 13.71 3.54 -2.51
C GLY A 25 12.91 3.36 -1.23
N ASN A 26 12.71 4.48 -0.53
CA ASN A 26 11.76 4.59 0.56
C ASN A 26 10.52 5.26 0.00
N PHE A 27 9.38 4.59 0.11
CA PHE A 27 8.12 5.11 -0.39
C PHE A 27 7.14 5.32 0.75
N TYR A 28 6.43 6.44 0.70
CA TYR A 28 5.54 6.88 1.76
C TYR A 28 4.17 7.10 1.14
N GLN A 29 3.15 6.51 1.73
CA GLN A 29 1.78 6.66 1.25
C GLN A 29 1.11 7.77 2.06
N VAL A 30 0.77 8.86 1.39
CA VAL A 30 -0.03 9.91 1.99
C VAL A 30 -1.50 9.62 1.70
N TYR A 31 -2.33 9.67 2.73
CA TYR A 31 -3.78 9.65 2.53
C TYR A 31 -4.26 11.10 2.62
N PRO A 32 -4.37 11.78 1.47
CA PRO A 32 -4.48 13.26 1.50
C PRO A 32 -5.60 13.79 2.36
N ARG A 33 -6.74 13.11 2.43
CA ARG A 33 -7.83 13.57 3.26
C ARG A 33 -7.44 13.68 4.73
N SER A 34 -6.43 12.93 5.18
CA SER A 34 -6.07 12.89 6.59
C SER A 34 -4.66 13.38 6.89
N PHE A 35 -3.93 13.93 5.91
CA PHE A 35 -2.55 14.26 6.20
C PHE A 35 -2.42 15.65 6.83
N LYS A 36 -2.86 16.70 6.15
CA LYS A 36 -2.75 18.02 6.74
C LYS A 36 -3.84 18.93 6.16
N ASP A 37 -4.72 19.44 7.01
CA ASP A 37 -5.66 20.48 6.61
C ASP A 37 -4.94 21.83 6.57
N SER A 38 -5.15 22.59 5.50
CA SER A 38 -4.56 23.91 5.40
C SER A 38 -5.57 25.04 5.34
N ASP A 39 -6.85 24.74 5.22
CA ASP A 39 -7.84 25.79 4.98
C ASP A 39 -9.05 25.67 5.91
N GLY A 40 -8.90 24.94 7.01
CA GLY A 40 -9.89 24.98 8.09
C GLY A 40 -11.24 24.33 7.80
N ASP A 41 -11.34 23.45 6.82
CA ASP A 41 -12.59 22.70 6.66
C ASP A 41 -12.55 21.33 7.36
N GLY A 42 -11.47 21.00 8.07
CA GLY A 42 -11.36 19.69 8.67
C GLY A 42 -10.99 18.58 7.71
N ILE A 43 -10.59 18.91 6.49
CA ILE A 43 -10.27 17.94 5.45
C ILE A 43 -8.84 18.20 4.98
N GLY A 44 -8.02 17.15 4.94
CA GLY A 44 -6.69 17.30 4.39
C GLY A 44 -6.75 17.68 2.93
N ASP A 45 -5.73 18.41 2.47
CA ASP A 45 -5.76 18.97 1.13
C ASP A 45 -4.34 19.05 0.56
N LEU A 46 -4.27 19.39 -0.73
CA LEU A 46 -2.98 19.42 -1.44
C LEU A 46 -2.01 20.43 -0.83
N ASP A 47 -2.49 21.63 -0.50
CA ASP A 47 -1.63 22.61 0.15
C ASP A 47 -1.09 22.07 1.47
N GLY A 48 -1.93 21.33 2.21
CA GLY A 48 -1.46 20.69 3.42
C GLY A 48 -0.34 19.71 3.17
N VAL A 49 -0.48 18.87 2.13
CA VAL A 49 0.62 17.96 1.79
C VAL A 49 1.89 18.75 1.51
N THR A 50 1.75 19.85 0.73
CA THR A 50 2.92 20.63 0.33
C THR A 50 3.65 21.19 1.54
N GLU A 51 2.91 21.67 2.56
CA GLU A 51 3.54 22.11 3.81
C GLU A 51 4.39 21.02 4.44
N LYS A 52 4.04 19.76 4.21
CA LYS A 52 4.63 18.65 4.94
C LYS A 52 5.62 17.84 4.10
N LEU A 53 5.90 18.25 2.86
CA LEU A 53 6.83 17.45 2.06
C LEU A 53 8.23 17.49 2.64
N LYS A 54 8.60 18.60 3.27
CA LYS A 54 9.93 18.71 3.87
C LYS A 54 10.09 17.74 5.04
N TYR A 55 9.04 17.59 5.83
CA TYR A 55 9.04 16.51 6.82
C TYR A 55 9.30 15.15 6.15
N LEU A 56 8.68 14.89 4.99
CA LEU A 56 8.83 13.56 4.39
C LEU A 56 10.25 13.33 3.92
N LYS A 57 10.90 14.39 3.41
CA LYS A 57 12.29 14.29 3.05
C LYS A 57 13.18 14.08 4.28
N ASP A 58 12.88 14.76 5.39
CA ASP A 58 13.71 14.69 6.60
C ASP A 58 13.69 13.31 7.25
N ILE A 59 12.62 12.53 7.06
CA ILE A 59 12.58 11.18 7.61
C ILE A 59 13.06 10.16 6.61
N GLY A 60 13.62 10.60 5.48
CA GLY A 60 14.30 9.72 4.56
C GLY A 60 13.50 9.20 3.40
N MET A 61 12.39 9.83 3.04
CA MET A 61 11.57 9.31 1.96
C MET A 61 12.16 9.72 0.61
N ASP A 62 11.95 8.88 -0.40
CA ASP A 62 12.30 9.20 -1.79
C ASP A 62 11.09 9.42 -2.68
N GLY A 63 10.04 8.63 -2.48
CA GLY A 63 8.86 8.70 -3.32
C GLY A 63 7.66 8.92 -2.42
N VAL A 64 6.75 9.77 -2.88
CA VAL A 64 5.53 10.06 -2.14
C VAL A 64 4.36 9.67 -3.03
N TRP A 65 3.62 8.64 -2.61
CA TRP A 65 2.39 8.22 -3.27
C TRP A 65 1.17 8.79 -2.53
N LEU A 66 0.32 9.49 -3.28
CA LEU A 66 -0.92 10.06 -2.78
C LEU A 66 -2.07 9.14 -3.16
N SER A 67 -2.94 8.83 -2.18
CA SER A 67 -4.23 8.23 -2.50
C SER A 67 -5.04 9.20 -3.35
N PRO A 68 -6.18 8.80 -4.11
CA PRO A 68 -7.20 9.54 -5.23
C PRO A 68 -7.30 11.01 -4.79
N ILE A 69 -6.91 11.93 -5.65
CA ILE A 69 -7.10 13.39 -5.39
C ILE A 69 -8.03 13.97 -6.46
N PHE A 70 -8.57 13.14 -7.31
CA PHE A 70 -9.38 13.55 -8.47
C PHE A 70 -10.84 13.77 -8.08
N SER A 71 -11.59 14.40 -8.95
CA SER A 71 -13.04 14.63 -8.76
C SER A 71 -13.68 13.30 -8.48
N SER A 72 -14.45 13.25 -7.43
CA SER A 72 -15.06 12.01 -7.00
C SER A 72 -16.10 12.41 -5.99
N PRO A 73 -17.43 11.80 -5.89
CA PRO A 73 -18.47 11.98 -4.84
C PRO A 73 -18.10 11.32 -3.53
N MET A 74 -16.93 10.74 -3.40
CA MET A 74 -16.42 10.16 -2.13
C MET A 74 -17.22 8.99 -1.60
N ALA A 75 -18.02 8.35 -2.43
CA ALA A 75 -18.66 7.11 -2.02
C ALA A 75 -17.65 6.09 -1.52
N ASP A 76 -16.49 5.99 -2.17
CA ASP A 76 -15.36 5.21 -1.68
C ASP A 76 -14.14 6.11 -1.50
N PHE A 77 -14.41 7.31 -0.99
CA PHE A 77 -13.41 8.28 -0.57
C PHE A 77 -12.24 8.42 -1.56
N GLY A 78 -12.64 8.73 -2.79
CA GLY A 78 -11.72 9.05 -3.85
C GLY A 78 -11.55 7.95 -4.88
N TYR A 79 -11.84 6.69 -4.52
CA TYR A 79 -11.68 5.59 -5.47
C TYR A 79 -12.88 5.46 -6.41
N ASP A 80 -13.85 6.38 -6.32
CA ASP A 80 -14.99 6.47 -7.24
C ASP A 80 -14.89 7.82 -7.95
N ILE A 81 -14.24 7.83 -9.12
CA ILE A 81 -13.76 9.06 -9.74
C ILE A 81 -14.73 9.50 -10.82
N SER A 82 -15.14 10.76 -10.77
CA SER A 82 -16.04 11.30 -11.78
C SER A 82 -15.30 12.12 -12.83
N ASN A 83 -14.01 12.38 -12.66
CA ASN A 83 -13.20 13.01 -13.72
C ASN A 83 -11.73 12.77 -13.42
N PHE A 84 -11.10 11.94 -14.23
CA PHE A 84 -9.70 11.59 -14.03
C PHE A 84 -8.74 12.71 -14.36
N ARG A 85 -9.22 13.87 -14.84
CA ARG A 85 -8.33 14.97 -15.20
C ARG A 85 -8.52 16.20 -14.35
N GLU A 86 -9.18 16.01 -13.21
CA GLU A 86 -9.54 17.14 -12.35
C GLU A 86 -9.24 16.89 -10.87
N ILE A 87 -8.75 17.92 -10.20
CA ILE A 87 -8.55 17.82 -8.76
C ILE A 87 -9.88 18.01 -8.05
N GLN A 88 -10.15 17.17 -7.07
CA GLN A 88 -11.35 17.32 -6.27
C GLN A 88 -11.30 18.66 -5.54
N THR A 89 -12.44 19.35 -5.51
CA THR A 89 -12.50 20.74 -5.08
C THR A 89 -11.85 20.96 -3.71
N GLU A 90 -12.27 20.22 -2.68
CA GLU A 90 -11.74 20.53 -1.36
C GLU A 90 -10.25 20.23 -1.24
N TYR A 91 -9.69 19.38 -2.12
CA TYR A 91 -8.25 19.14 -2.06
C TYR A 91 -7.44 20.27 -2.71
N GLY A 92 -8.06 21.03 -3.60
CA GLY A 92 -7.36 22.09 -4.32
C GLY A 92 -7.78 22.20 -5.76
N ASP A 93 -6.89 22.74 -6.60
CA ASP A 93 -7.11 22.85 -8.03
C ASP A 93 -5.81 22.47 -8.73
N LEU A 94 -5.74 22.71 -10.05
CA LEU A 94 -4.54 22.28 -10.76
C LEU A 94 -3.31 23.09 -10.36
N ASP A 95 -3.49 24.35 -9.95
CA ASP A 95 -2.38 25.12 -9.41
C ASP A 95 -1.85 24.51 -8.11
N ALA A 96 -2.76 24.13 -7.21
CA ALA A 96 -2.37 23.46 -5.98
C ALA A 96 -1.59 22.19 -6.27
N PHE A 97 -2.02 21.44 -7.27
CA PHE A 97 -1.24 20.28 -7.69
C PHE A 97 0.15 20.69 -8.17
N GLN A 98 0.22 21.74 -9.01
CA GLN A 98 1.52 22.17 -9.54
C GLN A 98 2.48 22.57 -8.43
N ARG A 99 1.99 23.30 -7.42
CA ARG A 99 2.86 23.67 -6.30
C ARG A 99 3.35 22.45 -5.56
N LEU A 100 2.47 21.46 -5.35
CA LEU A 100 2.89 20.18 -4.77
C LEU A 100 3.98 19.53 -5.61
N SER A 101 3.78 19.49 -6.92
CA SER A 101 4.75 18.88 -7.83
C SER A 101 6.05 19.66 -7.84
N ASP A 102 5.99 20.99 -7.92
CA ASP A 102 7.20 21.82 -7.89
C ASP A 102 7.97 21.63 -6.59
N LYS A 103 7.26 21.60 -5.45
CA LYS A 103 7.93 21.40 -4.17
C LYS A 103 8.63 20.03 -4.11
N CYS A 104 7.98 18.98 -4.61
CA CYS A 104 8.64 17.68 -4.71
C CYS A 104 9.94 17.79 -5.49
N LYS A 105 9.90 18.51 -6.61
CA LYS A 105 11.08 18.67 -7.46
C LYS A 105 12.23 19.36 -6.72
N GLN A 106 11.98 20.49 -6.06
CA GLN A 106 13.01 21.10 -5.25
C GLN A 106 13.60 20.13 -4.28
N LEU A 107 12.77 19.44 -3.48
CA LEU A 107 13.27 18.57 -2.41
C LEU A 107 13.89 17.28 -2.96
N GLY A 108 13.73 17.03 -4.25
CA GLY A 108 14.19 15.77 -4.82
C GLY A 108 13.32 14.60 -4.42
N LEU A 109 12.01 14.79 -4.34
CA LEU A 109 11.07 13.72 -4.08
C LEU A 109 10.28 13.38 -5.33
N HIS A 110 10.00 12.11 -5.55
CA HIS A 110 9.22 11.69 -6.71
C HIS A 110 7.75 11.57 -6.36
N LEU A 111 6.89 12.20 -7.16
CA LEU A 111 5.47 12.20 -6.87
C LEU A 111 4.78 11.07 -7.64
N ILE A 112 4.03 10.25 -6.91
CA ILE A 112 3.31 9.09 -7.44
C ILE A 112 1.83 9.30 -7.18
N LEU A 113 1.02 9.25 -8.24
CA LEU A 113 -0.42 9.45 -8.12
C LEU A 113 -1.17 8.11 -8.16
N ASP A 114 -2.35 8.09 -7.55
CA ASP A 114 -3.16 6.88 -7.50
C ASP A 114 -4.01 6.81 -8.77
N PHE A 115 -3.78 5.76 -9.56
CA PHE A 115 -4.47 5.56 -10.83
C PHE A 115 -5.48 4.44 -10.61
N VAL A 116 -6.76 4.74 -10.86
CA VAL A 116 -7.85 3.81 -10.54
C VAL A 116 -8.54 3.38 -11.84
N PRO A 117 -7.92 2.54 -12.66
CA PRO A 117 -8.50 2.24 -13.98
C PRO A 117 -9.70 1.32 -13.95
N ASN A 118 -9.91 0.56 -12.88
CA ASN A 118 -10.88 -0.52 -13.01
C ASN A 118 -12.29 0.00 -13.16
N HIS A 119 -12.58 1.18 -12.63
CA HIS A 119 -13.96 1.64 -12.51
C HIS A 119 -13.97 3.15 -12.44
N THR A 120 -15.13 3.72 -12.72
CA THR A 120 -15.37 5.14 -12.53
C THR A 120 -16.48 5.28 -11.51
N SER A 121 -16.72 6.52 -11.09
CA SER A 121 -17.95 6.78 -10.34
C SER A 121 -19.16 6.53 -11.22
N ASP A 122 -20.28 6.13 -10.59
CA ASP A 122 -21.51 6.11 -11.37
C ASP A 122 -22.05 7.51 -11.64
N GLN A 123 -21.40 8.54 -11.10
CA GLN A 123 -21.71 9.91 -11.50
C GLN A 123 -20.87 10.38 -12.68
N HIS A 124 -19.92 9.57 -13.13
CA HIS A 124 -19.12 9.99 -14.28
C HIS A 124 -20.02 10.21 -15.49
N GLU A 125 -19.72 11.26 -16.25
CA GLU A 125 -20.44 11.53 -17.48
C GLU A 125 -20.46 10.32 -18.41
N TYR A 126 -19.35 9.58 -18.50
CA TYR A 126 -19.35 8.41 -19.38
C TYR A 126 -20.41 7.40 -18.96
N PHE A 127 -20.60 7.24 -17.65
CA PHE A 127 -21.58 6.26 -17.18
C PHE A 127 -23.00 6.75 -17.39
N LYS A 128 -23.27 8.01 -17.04
CA LYS A 128 -24.61 8.56 -17.31
C LYS A 128 -24.96 8.42 -18.78
N LYS A 129 -24.01 8.69 -19.67
CA LYS A 129 -24.28 8.54 -21.09
C LYS A 129 -24.36 7.07 -21.48
N SER A 130 -23.57 6.22 -20.83
CA SER A 130 -23.69 4.78 -21.07
C SER A 130 -25.09 4.28 -20.73
N VAL A 131 -25.64 4.73 -19.59
CA VAL A 131 -26.97 4.28 -19.18
C VAL A 131 -28.00 4.64 -20.24
N GLN A 132 -27.78 5.73 -20.98
CA GLN A 132 -28.71 6.18 -22.00
C GLN A 132 -28.41 5.59 -23.37
N LYS A 133 -27.50 4.62 -23.45
CA LYS A 133 -27.07 4.03 -24.72
C LYS A 133 -26.57 5.07 -25.71
N ASP A 134 -25.87 6.08 -25.21
CA ASP A 134 -25.14 7.03 -26.07
C ASP A 134 -24.23 6.20 -26.98
N GLU A 135 -24.21 6.50 -28.26
CA GLU A 135 -23.42 5.69 -29.23
C GLU A 135 -21.95 5.61 -28.85
N THR A 136 -21.36 6.68 -28.34
CA THR A 136 -19.95 6.69 -27.94
C THR A 136 -19.75 5.94 -26.63
N TYR A 137 -20.67 6.00 -25.68
CA TYR A 137 -20.39 5.45 -24.35
C TYR A 137 -21.22 4.22 -23.99
N LYS A 138 -22.13 3.79 -24.87
CA LYS A 138 -22.93 2.58 -24.68
C LYS A 138 -22.09 1.43 -24.17
N ASP A 139 -20.89 1.29 -24.73
CA ASP A 139 -20.01 0.15 -24.48
C ASP A 139 -18.80 0.51 -23.61
N PHE A 140 -18.80 1.68 -22.96
CA PHE A 140 -17.71 1.93 -22.02
C PHE A 140 -17.75 1.04 -20.79
N TYR A 141 -18.90 0.48 -20.45
CA TYR A 141 -19.02 -0.34 -19.25
C TYR A 141 -19.42 -1.75 -19.66
N VAL A 142 -19.54 -2.64 -18.68
CA VAL A 142 -19.80 -4.05 -18.94
C VAL A 142 -21.27 -4.29 -18.64
N TRP A 143 -22.08 -4.35 -19.69
CA TRP A 143 -23.52 -4.52 -19.56
C TRP A 143 -23.94 -5.88 -20.07
N HIS A 144 -25.00 -6.43 -19.47
CA HIS A 144 -25.57 -7.68 -19.95
C HIS A 144 -26.98 -7.80 -19.38
N PRO A 145 -27.94 -8.30 -20.16
CA PRO A 145 -29.34 -8.28 -19.70
C PRO A 145 -29.69 -9.37 -18.69
N GLY A 146 -28.81 -10.31 -18.42
CA GLY A 146 -29.31 -11.43 -17.64
C GLY A 146 -30.34 -12.23 -18.44
N VAL A 147 -31.09 -13.03 -17.71
CA VAL A 147 -32.18 -13.89 -18.25
C VAL A 147 -33.40 -13.78 -17.32
N HIS A 148 -34.57 -13.62 -17.90
CA HIS A 148 -35.82 -13.65 -17.12
C HIS A 148 -36.02 -15.10 -16.73
N GLY A 149 -36.42 -15.37 -15.49
CA GLY A 149 -36.51 -16.78 -15.10
C GLY A 149 -37.90 -17.14 -14.66
N PRO A 150 -38.10 -18.31 -14.03
CA PRO A 150 -39.41 -18.75 -13.57
C PRO A 150 -40.05 -17.78 -12.58
N ASN A 151 -41.35 -17.62 -12.65
CA ASN A 151 -42.04 -16.75 -11.67
C ASN A 151 -41.65 -15.29 -11.93
N ASN A 152 -41.48 -14.95 -13.19
CA ASN A 152 -41.13 -13.58 -13.61
C ASN A 152 -39.98 -13.00 -12.80
N THR A 153 -38.90 -13.75 -12.59
CA THR A 153 -37.74 -13.27 -11.78
C THR A 153 -36.56 -12.95 -12.68
N LYS A 154 -35.65 -12.08 -12.26
CA LYS A 154 -34.49 -11.78 -13.12
C LYS A 154 -33.26 -12.52 -12.59
N VAL A 155 -32.57 -13.28 -13.44
CA VAL A 155 -31.34 -13.96 -13.08
C VAL A 155 -30.17 -13.12 -13.60
N PRO A 156 -29.19 -12.79 -12.77
CA PRO A 156 -28.08 -11.95 -13.23
C PRO A 156 -27.21 -12.70 -14.24
N PRO A 157 -26.38 -11.98 -14.99
CA PRO A 157 -25.60 -12.62 -16.06
C PRO A 157 -24.64 -13.69 -15.59
N SER A 158 -24.18 -13.63 -14.35
CA SER A 158 -23.33 -14.67 -13.79
C SER A 158 -23.51 -14.66 -12.29
N ASN A 159 -22.82 -15.57 -11.60
CA ASN A 159 -22.94 -15.72 -10.16
C ASN A 159 -21.86 -14.93 -9.41
N TRP A 160 -21.15 -14.05 -10.10
CA TRP A 160 -19.99 -13.35 -9.56
C TRP A 160 -20.38 -12.48 -8.35
N ILE A 161 -19.45 -12.36 -7.42
CA ILE A 161 -19.67 -11.65 -6.16
C ILE A 161 -18.72 -10.44 -6.06
N SER A 162 -19.29 -9.32 -5.63
CA SER A 162 -18.54 -8.09 -5.41
C SER A 162 -17.62 -8.18 -4.20
N VAL A 163 -16.47 -7.50 -4.30
CA VAL A 163 -15.50 -7.40 -3.19
C VAL A 163 -16.16 -6.83 -1.95
N PHE A 164 -17.12 -5.94 -2.11
CA PHE A 164 -17.87 -5.37 -1.00
C PHE A 164 -19.17 -6.15 -0.68
N ARG A 165 -19.28 -7.40 -1.17
CA ARG A 165 -20.34 -8.36 -0.86
C ARG A 165 -21.57 -8.18 -1.75
N GLY A 166 -22.33 -9.28 -1.93
CA GLY A 166 -23.46 -9.25 -2.83
C GLY A 166 -23.02 -9.41 -4.28
N SER A 167 -24.04 -9.49 -5.15
CA SER A 167 -23.78 -9.66 -6.57
C SER A 167 -22.94 -8.52 -7.12
N SER A 168 -22.06 -8.83 -8.06
CA SER A 168 -21.31 -7.80 -8.75
C SER A 168 -22.04 -7.32 -10.02
N TRP A 169 -23.28 -7.74 -10.20
CA TRP A 169 -24.16 -7.23 -11.25
C TRP A 169 -25.24 -6.38 -10.58
N GLU A 170 -25.46 -5.18 -11.12
CA GLU A 170 -26.45 -4.25 -10.59
C GLU A 170 -27.43 -3.91 -11.69
N TRP A 171 -28.72 -4.14 -11.43
CA TRP A 171 -29.74 -3.86 -12.42
C TRP A 171 -29.95 -2.36 -12.57
N ASN A 172 -30.02 -1.92 -13.81
CA ASN A 172 -30.36 -0.54 -14.14
C ASN A 172 -31.68 -0.53 -14.90
N GLU A 173 -32.69 0.09 -14.29
CA GLU A 173 -34.03 0.08 -14.89
C GLU A 173 -34.06 0.86 -16.20
N GLU A 174 -33.44 2.04 -16.24
CA GLU A 174 -33.45 2.84 -17.47
C GLU A 174 -32.86 2.06 -18.64
N ARG A 175 -31.68 1.48 -18.46
CA ARG A 175 -31.07 0.76 -19.57
C ARG A 175 -31.61 -0.65 -19.75
N GLN A 176 -32.29 -1.19 -18.74
CA GLN A 176 -32.85 -2.54 -18.83
C GLN A 176 -31.75 -3.58 -18.98
N GLU A 177 -30.62 -3.37 -18.31
CA GLU A 177 -29.53 -4.33 -18.26
C GLU A 177 -28.86 -4.25 -16.90
N PHE A 178 -28.07 -5.27 -16.60
CA PHE A 178 -27.16 -5.23 -15.48
C PHE A 178 -25.83 -4.66 -15.95
N TYR A 179 -25.20 -3.85 -15.09
CA TYR A 179 -23.81 -3.46 -15.30
C TYR A 179 -22.93 -4.12 -14.24
N LEU A 180 -21.71 -4.40 -14.64
CA LEU A 180 -20.75 -5.04 -13.74
C LEU A 180 -20.13 -4.05 -12.75
N HIS A 181 -20.09 -4.45 -11.50
CA HIS A 181 -19.38 -3.67 -10.45
C HIS A 181 -18.58 -4.66 -9.60
N GLN A 182 -17.30 -4.72 -9.79
CA GLN A 182 -16.49 -5.60 -8.95
C GLN A 182 -16.36 -5.03 -7.54
N PHE A 183 -16.48 -3.72 -7.42
CA PHE A 183 -16.43 -3.03 -6.11
C PHE A 183 -17.83 -2.55 -5.75
N LEU A 184 -18.00 -1.28 -5.42
CA LEU A 184 -19.35 -0.80 -5.05
C LEU A 184 -20.17 -0.55 -6.31
N LYS A 185 -21.49 -0.55 -6.17
CA LYS A 185 -22.47 -0.31 -7.26
C LYS A 185 -22.29 1.12 -7.77
N GLU A 186 -21.68 1.96 -6.95
CA GLU A 186 -21.32 3.36 -7.29
C GLU A 186 -20.02 3.39 -8.09
N GLN A 187 -19.35 2.26 -8.19
CA GLN A 187 -18.09 2.17 -8.92
C GLN A 187 -18.28 1.23 -10.09
N PRO A 188 -19.10 1.45 -11.32
CA PRO A 188 -19.23 0.64 -12.51
C PRO A 188 -17.86 0.40 -13.19
N ASP A 189 -17.58 -0.86 -13.47
CA ASP A 189 -16.34 -1.34 -14.12
C ASP A 189 -16.24 -0.86 -15.57
N LEU A 190 -15.09 -0.33 -15.91
CA LEU A 190 -14.75 0.04 -17.30
C LEU A 190 -14.56 -1.23 -18.15
N ASN A 191 -14.97 -1.18 -19.41
CA ASN A 191 -14.91 -2.32 -20.32
C ASN A 191 -13.62 -2.21 -21.14
N TYR A 192 -12.56 -2.84 -20.64
CA TYR A 192 -11.28 -2.75 -21.34
C TYR A 192 -11.22 -3.65 -22.58
N ARG A 193 -12.32 -4.33 -22.94
CA ARG A 193 -12.38 -4.94 -24.27
C ARG A 193 -12.79 -3.93 -25.33
N ASN A 194 -13.21 -2.74 -24.91
CA ASN A 194 -13.56 -1.68 -25.83
C ASN A 194 -12.30 -0.86 -26.12
N PRO A 195 -11.84 -0.80 -27.38
CA PRO A 195 -10.60 -0.06 -27.69
C PRO A 195 -10.69 1.42 -27.34
N ALA A 196 -11.89 2.03 -27.43
CA ALA A 196 -12.04 3.42 -27.04
C ALA A 196 -11.70 3.63 -25.56
N VAL A 197 -12.08 2.67 -24.71
CA VAL A 197 -11.73 2.72 -23.29
C VAL A 197 -10.22 2.56 -23.12
N VAL A 198 -9.62 1.61 -23.84
CA VAL A 198 -8.18 1.41 -23.73
C VAL A 198 -7.43 2.71 -24.02
N GLU A 199 -7.77 3.35 -25.15
CA GLU A 199 -7.08 4.58 -25.52
C GLU A 199 -7.34 5.69 -24.51
N GLU A 200 -8.60 5.85 -24.07
CA GLU A 200 -8.95 6.95 -23.18
C GLU A 200 -8.18 6.85 -21.87
N MET A 201 -8.02 5.64 -21.33
CA MET A 201 -7.38 5.52 -20.03
C MET A 201 -5.86 5.64 -20.10
N LYS A 202 -5.23 5.34 -21.23
CA LYS A 202 -3.83 5.67 -21.29
C LYS A 202 -3.58 7.14 -21.63
N ASN A 203 -4.59 7.82 -22.17
CA ASN A 203 -4.44 9.27 -22.27
C ASN A 203 -4.59 9.93 -20.90
N VAL A 204 -5.32 9.31 -19.97
CA VAL A 204 -5.31 9.78 -18.60
C VAL A 204 -3.88 9.70 -18.04
N LEU A 205 -3.18 8.60 -18.30
CA LEU A 205 -1.80 8.50 -17.82
C LEU A 205 -0.91 9.56 -18.46
N ARG A 206 -1.09 9.82 -19.77
CA ARG A 206 -0.29 10.86 -20.42
C ARG A 206 -0.61 12.24 -19.87
N TYR A 207 -1.89 12.51 -19.60
CA TYR A 207 -2.30 13.79 -19.04
C TYR A 207 -1.49 14.12 -17.79
N TRP A 208 -1.32 13.14 -16.90
CA TRP A 208 -0.58 13.38 -15.66
C TRP A 208 0.91 13.23 -15.85
N LEU A 209 1.36 12.30 -16.70
CA LEU A 209 2.77 12.26 -17.05
C LEU A 209 3.22 13.58 -17.67
N ASP A 210 2.35 14.20 -18.47
CA ASP A 210 2.65 15.51 -19.07
C ASP A 210 2.82 16.57 -18.00
N ARG A 211 2.20 16.38 -16.86
CA ARG A 211 2.22 17.36 -15.80
C ARG A 211 3.24 17.05 -14.72
N GLY A 212 4.14 16.09 -14.95
CA GLY A 212 5.38 15.99 -14.19
C GLY A 212 5.49 14.85 -13.20
N VAL A 213 4.51 13.95 -13.11
CA VAL A 213 4.56 12.93 -12.06
C VAL A 213 5.63 11.89 -12.38
N SER A 214 6.17 11.28 -11.35
CA SER A 214 7.20 10.26 -11.58
C SER A 214 6.61 8.86 -11.74
N GLY A 215 5.31 8.70 -11.66
CA GLY A 215 4.72 7.39 -11.84
C GLY A 215 3.39 7.27 -11.12
N PHE A 216 2.91 6.03 -11.06
CA PHE A 216 1.56 5.74 -10.59
C PHE A 216 1.57 4.51 -9.71
N ARG A 217 0.70 4.52 -8.71
CA ARG A 217 0.25 3.33 -8.00
C ARG A 217 -1.11 2.95 -8.59
N ILE A 218 -1.25 1.72 -9.07
CA ILE A 218 -2.40 1.35 -9.88
C ILE A 218 -3.33 0.48 -9.05
N ASP A 219 -4.57 0.93 -8.91
CA ASP A 219 -5.58 0.35 -8.04
C ASP A 219 -6.15 -0.95 -8.64
N ALA A 220 -6.29 -1.97 -7.79
CA ALA A 220 -7.11 -3.16 -8.08
C ALA A 220 -6.71 -3.86 -9.38
N VAL A 221 -5.41 -4.03 -9.61
CA VAL A 221 -5.00 -4.59 -10.89
C VAL A 221 -5.56 -5.99 -11.16
N PRO A 222 -5.74 -6.89 -10.16
CA PRO A 222 -6.25 -8.23 -10.53
C PRO A 222 -7.63 -8.26 -11.14
N TYR A 223 -8.41 -7.18 -11.03
CA TYR A 223 -9.82 -7.18 -11.40
C TYR A 223 -10.10 -6.48 -12.72
N LEU A 224 -9.07 -6.11 -13.48
CA LEU A 224 -9.24 -5.28 -14.67
C LEU A 224 -10.13 -5.95 -15.72
N PHE A 225 -9.66 -7.06 -16.27
CA PHE A 225 -10.41 -7.83 -17.24
C PHE A 225 -11.18 -8.95 -16.55
N GLU A 226 -12.39 -9.19 -17.01
CA GLU A 226 -13.10 -10.44 -16.74
C GLU A 226 -13.09 -11.28 -18.02
N SER A 227 -13.38 -12.57 -17.90
CA SER A 227 -13.44 -13.37 -19.11
C SER A 227 -14.60 -12.91 -20.00
N ASP A 228 -14.51 -13.21 -21.29
CA ASP A 228 -15.47 -12.68 -22.24
C ASP A 228 -16.74 -13.53 -22.28
N ILE A 229 -17.72 -13.07 -23.05
CA ILE A 229 -18.93 -13.85 -23.27
C ILE A 229 -18.62 -15.01 -24.20
N ILE A 230 -19.19 -16.16 -23.92
CA ILE A 230 -19.17 -17.29 -24.83
C ILE A 230 -20.62 -17.70 -25.07
N ASP A 231 -21.03 -17.71 -26.34
CA ASP A 231 -22.38 -18.11 -26.72
C ASP A 231 -23.43 -17.25 -26.01
N GLY A 232 -23.17 -15.95 -25.92
CA GLY A 232 -24.10 -15.03 -25.29
C GLY A 232 -24.17 -15.06 -23.77
N ARG A 233 -23.30 -15.83 -23.11
CA ARG A 233 -23.33 -15.97 -21.65
C ARG A 233 -21.96 -15.72 -21.03
N TYR A 234 -21.97 -15.32 -19.76
CA TYR A 234 -20.77 -15.23 -18.94
C TYR A 234 -20.66 -16.50 -18.12
N ARG A 235 -19.42 -16.97 -17.92
CA ARG A 235 -19.16 -18.19 -17.18
C ARG A 235 -19.23 -17.93 -15.68
N ASN A 236 -19.91 -18.83 -14.96
CA ASN A 236 -19.97 -18.75 -13.52
C ASN A 236 -18.65 -19.17 -12.89
N GLU A 237 -18.48 -18.85 -11.62
CA GLU A 237 -17.28 -19.29 -10.94
C GLU A 237 -17.60 -20.42 -9.97
N PRO A 238 -16.64 -21.30 -9.70
CA PRO A 238 -16.91 -22.44 -8.83
C PRO A 238 -16.75 -22.06 -7.37
N GLU A 239 -17.52 -22.75 -6.52
CA GLU A 239 -17.45 -22.49 -5.09
C GLU A 239 -16.09 -22.86 -4.56
N SER A 240 -15.61 -22.04 -3.61
CA SER A 240 -14.30 -22.26 -3.02
C SER A 240 -14.35 -23.29 -1.90
N ARG A 241 -15.50 -23.45 -1.25
CA ARG A 241 -15.66 -24.27 -0.04
C ARG A 241 -14.77 -23.80 1.11
N THR A 242 -14.35 -22.53 1.12
CA THR A 242 -13.75 -21.92 2.30
C THR A 242 -14.75 -21.08 3.09
N THR A 243 -15.95 -20.90 2.56
CA THR A 243 -17.01 -20.29 3.34
C THR A 243 -18.34 -20.74 2.76
N ASP A 244 -19.36 -20.74 3.62
CA ASP A 244 -20.71 -21.09 3.21
C ASP A 244 -21.56 -19.86 2.93
N ASP A 245 -20.98 -18.67 3.06
CA ASP A 245 -21.72 -17.43 2.96
C ASP A 245 -21.70 -17.00 1.50
N PRO A 246 -22.82 -17.06 0.77
CA PRO A 246 -22.80 -16.76 -0.67
C PRO A 246 -22.75 -15.28 -0.99
N GLU A 247 -22.79 -14.42 0.02
CA GLU A 247 -22.61 -12.99 -0.19
C GLU A 247 -21.16 -12.57 -0.02
N ASN A 248 -20.31 -13.48 0.48
CA ASN A 248 -18.91 -13.23 0.74
C ASN A 248 -18.10 -13.50 -0.52
N PRO A 249 -17.36 -12.53 -1.05
CA PRO A 249 -16.53 -12.78 -2.25
C PRO A 249 -15.69 -14.04 -2.17
N ALA A 250 -15.24 -14.42 -0.97
CA ALA A 250 -14.43 -15.64 -0.83
C ALA A 250 -15.23 -16.91 -1.09
N TYR A 251 -16.56 -16.81 -1.23
CA TYR A 251 -17.38 -17.96 -1.54
C TYR A 251 -16.97 -18.62 -2.85
N LEU A 252 -16.37 -17.86 -3.76
CA LEU A 252 -16.06 -18.34 -5.10
C LEU A 252 -14.56 -18.32 -5.35
N VAL A 253 -14.12 -19.25 -6.19
CA VAL A 253 -12.79 -19.19 -6.80
C VAL A 253 -12.89 -18.30 -8.03
N HIS A 254 -12.02 -17.30 -8.12
CA HIS A 254 -12.19 -16.23 -9.09
C HIS A 254 -11.45 -16.53 -10.39
N THR A 255 -11.83 -17.66 -10.99
CA THR A 255 -11.27 -18.09 -12.27
C THR A 255 -11.71 -17.21 -13.42
N GLN A 256 -12.79 -16.45 -13.26
CA GLN A 256 -13.34 -15.64 -14.35
C GLN A 256 -13.21 -14.15 -14.13
N THR A 257 -13.00 -13.70 -12.90
CA THR A 257 -13.04 -12.29 -12.56
C THR A 257 -11.72 -11.73 -12.05
N MET A 258 -10.69 -12.57 -11.87
CA MET A 258 -9.37 -12.09 -11.50
C MET A 258 -8.30 -12.77 -12.35
N ASP A 259 -7.09 -12.22 -12.30
CA ASP A 259 -5.89 -12.83 -12.86
C ASP A 259 -5.98 -13.14 -14.37
N GLN A 260 -6.90 -12.50 -15.09
CA GLN A 260 -7.07 -12.81 -16.50
C GLN A 260 -5.81 -12.42 -17.28
N PRO A 261 -5.47 -13.18 -18.34
CA PRO A 261 -4.24 -12.87 -19.09
C PRO A 261 -4.25 -11.50 -19.73
N GLU A 262 -5.43 -11.02 -20.11
CA GLU A 262 -5.51 -9.71 -20.73
C GLU A 262 -5.18 -8.60 -19.71
N THR A 263 -5.43 -8.85 -18.43
CA THR A 263 -5.06 -7.90 -17.39
C THR A 263 -3.56 -7.61 -17.43
N TYR A 264 -2.74 -8.66 -17.50
CA TYR A 264 -1.30 -8.47 -17.52
C TYR A 264 -0.88 -7.78 -18.79
N ASP A 265 -1.56 -8.09 -19.90
CA ASP A 265 -1.26 -7.41 -21.16
C ASP A 265 -1.45 -5.92 -21.02
N MET A 266 -2.48 -5.49 -20.29
CA MET A 266 -2.77 -4.07 -20.20
C MET A 266 -1.81 -3.36 -19.25
N ILE A 267 -1.44 -4.02 -18.14
CA ILE A 267 -0.34 -3.52 -17.30
C ILE A 267 0.90 -3.27 -18.15
N TYR A 268 1.25 -4.24 -19.01
CA TYR A 268 2.44 -4.07 -19.83
C TYR A 268 2.26 -2.94 -20.84
N GLN A 269 1.05 -2.79 -21.41
CA GLN A 269 0.78 -1.65 -22.29
C GLN A 269 0.98 -0.35 -21.55
N TRP A 270 0.51 -0.29 -20.30
CA TRP A 270 0.62 0.94 -19.52
C TRP A 270 2.08 1.22 -19.19
N ARG A 271 2.85 0.20 -18.85
CA ARG A 271 4.28 0.42 -18.60
C ARG A 271 4.96 0.98 -19.84
N ALA A 272 4.51 0.61 -21.03
CA ALA A 272 5.13 1.14 -22.24
C ALA A 272 4.87 2.65 -22.39
N VAL A 273 3.67 3.10 -22.04
CA VAL A 273 3.40 4.54 -22.03
C VAL A 273 4.37 5.25 -21.07
N LEU A 274 4.54 4.68 -19.87
CA LEU A 274 5.48 5.26 -18.92
C LEU A 274 6.89 5.31 -19.50
N ASP A 275 7.32 4.22 -20.15
CA ASP A 275 8.65 4.14 -20.75
C ASP A 275 8.85 5.20 -21.84
N GLU A 276 7.80 5.52 -22.60
CA GLU A 276 7.90 6.63 -23.54
C GLU A 276 8.40 7.88 -22.84
N TYR A 277 7.88 8.16 -21.64
CA TYR A 277 8.30 9.37 -20.96
C TYR A 277 9.67 9.21 -20.32
N SER A 278 10.02 7.99 -19.87
CA SER A 278 11.35 7.79 -19.28
C SER A 278 12.45 8.09 -20.30
N LYS A 279 12.24 7.72 -21.57
CA LYS A 279 13.19 8.03 -22.64
C LYS A 279 13.39 9.53 -22.81
N THR A 280 12.37 10.32 -22.51
CA THR A 280 12.42 11.77 -22.71
C THR A 280 13.49 12.47 -21.89
N ASP A 281 13.69 12.07 -20.64
CA ASP A 281 14.46 12.94 -19.76
C ASP A 281 15.27 12.20 -18.72
N ASN A 282 15.64 10.94 -18.97
CA ASN A 282 16.48 10.16 -18.05
C ASN A 282 15.93 10.17 -16.63
N ARG A 283 14.60 10.15 -16.49
CA ARG A 283 13.95 10.04 -15.19
C ARG A 283 12.94 8.89 -15.30
N THR A 284 13.25 7.77 -14.68
CA THR A 284 12.44 6.58 -14.83
C THR A 284 11.07 6.78 -14.21
N ARG A 285 10.02 6.62 -15.01
CA ARG A 285 8.67 6.59 -14.49
C ARG A 285 8.40 5.20 -13.95
N ILE A 286 7.87 5.10 -12.74
CA ILE A 286 7.70 3.81 -12.10
C ILE A 286 6.22 3.49 -11.97
N MET A 287 5.92 2.20 -11.79
CA MET A 287 4.55 1.76 -11.60
C MET A 287 4.50 0.86 -10.38
N MET A 288 3.60 1.17 -9.46
CA MET A 288 3.25 0.30 -8.34
C MET A 288 1.86 -0.28 -8.61
N THR A 289 1.63 -1.53 -8.18
CA THR A 289 0.34 -2.15 -8.43
C THR A 289 -0.22 -2.78 -7.16
N GLU A 290 -1.49 -2.47 -6.88
CA GLU A 290 -2.23 -3.06 -5.77
C GLU A 290 -2.89 -4.34 -6.27
N GLY A 291 -2.32 -5.49 -5.89
CA GLY A 291 -2.84 -6.80 -6.29
C GLY A 291 -2.94 -7.80 -5.12
N TYR A 292 -4.10 -7.85 -4.49
CA TYR A 292 -4.37 -8.87 -3.46
C TYR A 292 -4.77 -10.15 -4.19
N THR A 293 -3.77 -10.90 -4.59
CA THR A 293 -3.98 -12.15 -5.30
C THR A 293 -2.85 -13.11 -4.93
N SER A 294 -2.85 -14.30 -5.52
CA SER A 294 -1.85 -15.31 -5.17
C SER A 294 -0.45 -14.84 -5.56
N LEU A 295 0.55 -15.34 -4.83
CA LEU A 295 1.94 -14.93 -5.06
C LEU A 295 2.40 -15.08 -6.51
N PRO A 296 2.18 -16.20 -7.21
CA PRO A 296 2.59 -16.24 -8.62
C PRO A 296 1.91 -15.18 -9.48
N LYS A 297 0.65 -14.84 -9.17
CA LYS A 297 -0.05 -13.84 -9.94
C LYS A 297 0.39 -12.42 -9.57
N ILE A 298 0.85 -12.22 -8.33
CA ILE A 298 1.54 -10.96 -8.01
C ILE A 298 2.82 -10.85 -8.83
N ILE A 299 3.63 -11.92 -8.83
CA ILE A 299 4.94 -11.91 -9.47
C ILE A 299 4.83 -11.61 -10.97
N GLU A 300 3.78 -12.14 -11.61
CA GLU A 300 3.60 -11.95 -13.04
C GLU A 300 3.46 -10.48 -13.42
N PHE A 301 3.10 -9.62 -12.45
CA PHE A 301 2.96 -8.19 -12.73
C PHE A 301 4.30 -7.51 -12.98
N PHE A 302 5.39 -8.06 -12.44
CA PHE A 302 6.73 -7.54 -12.75
C PHE A 302 6.96 -7.44 -14.26
N GLY A 303 6.48 -8.42 -15.00
CA GLY A 303 6.68 -8.46 -16.43
C GLY A 303 6.68 -9.90 -16.90
N ASN A 304 6.85 -10.06 -18.21
CA ASN A 304 7.08 -11.39 -18.75
C ASN A 304 8.31 -11.37 -19.67
N ALA A 305 8.48 -12.42 -20.46
CA ALA A 305 9.68 -12.56 -21.26
C ALA A 305 9.91 -11.34 -22.16
N THR A 306 8.87 -10.82 -22.80
CA THR A 306 9.02 -9.80 -23.81
C THR A 306 8.66 -8.39 -23.34
N ALA A 307 8.20 -8.21 -22.11
CA ALA A 307 7.60 -6.94 -21.74
C ALA A 307 7.68 -6.73 -20.23
N ASN A 308 8.17 -5.56 -19.82
CA ASN A 308 8.16 -5.18 -18.41
C ASN A 308 6.76 -4.71 -17.99
N GLY A 309 6.49 -4.82 -16.69
CA GLY A 309 5.22 -4.38 -16.12
C GLY A 309 5.41 -3.34 -15.03
N ALA A 310 5.13 -3.72 -13.79
CA ALA A 310 5.29 -2.86 -12.64
C ALA A 310 6.63 -3.11 -11.97
N GLN A 311 7.41 -2.05 -11.71
CA GLN A 311 8.60 -2.22 -10.89
C GLN A 311 8.26 -2.60 -9.46
N ILE A 312 7.08 -2.20 -8.99
CA ILE A 312 6.72 -2.43 -7.58
C ILE A 312 5.31 -3.00 -7.49
N PRO A 313 5.10 -4.27 -7.85
CA PRO A 313 3.86 -4.93 -7.47
C PRO A 313 3.93 -5.23 -5.99
N PHE A 314 2.99 -4.67 -5.22
CA PHE A 314 3.09 -4.69 -3.77
C PHE A 314 3.21 -6.12 -3.24
N ASN A 315 4.15 -6.31 -2.32
CA ASN A 315 4.38 -7.60 -1.69
C ASN A 315 3.29 -7.86 -0.65
N PHE A 316 2.08 -8.10 -1.17
CA PHE A 316 0.96 -8.44 -0.31
C PHE A 316 0.97 -9.91 0.12
N GLU A 317 1.90 -10.71 -0.38
CA GLU A 317 2.10 -12.03 0.19
C GLU A 317 2.38 -11.92 1.69
N VAL A 318 3.25 -10.99 2.09
CA VAL A 318 3.53 -10.79 3.51
C VAL A 318 2.32 -10.18 4.22
N ILE A 319 1.76 -9.09 3.70
CA ILE A 319 0.76 -8.36 4.48
C ILE A 319 -0.48 -9.20 4.71
N SER A 320 -0.85 -10.04 3.75
CA SER A 320 -2.06 -10.84 3.86
C SER A 320 -1.89 -12.03 4.81
N ASN A 321 -0.67 -12.47 5.05
CA ASN A 321 -0.47 -13.69 5.83
C ASN A 321 0.11 -13.47 7.21
N VAL A 322 0.73 -12.34 7.49
CA VAL A 322 1.28 -12.08 8.82
C VAL A 322 0.17 -11.57 9.74
N LYS A 323 -0.01 -12.23 10.87
CA LYS A 323 -1.11 -11.91 11.78
C LYS A 323 -0.58 -11.52 13.16
N LYS A 324 -1.50 -11.20 14.06
CA LYS A 324 -1.11 -10.81 15.42
C LYS A 324 -0.40 -11.96 16.13
N ASN A 325 -0.81 -13.19 15.87
CA ASN A 325 -0.22 -14.37 16.51
C ASN A 325 0.73 -15.11 15.59
N SER A 326 1.25 -14.45 14.56
CA SER A 326 2.31 -15.06 13.76
C SER A 326 3.57 -15.22 14.59
N THR A 327 4.26 -16.33 14.40
CA THR A 327 5.54 -16.52 15.07
C THR A 327 6.63 -15.92 14.20
N GLY A 328 7.84 -15.85 14.77
CA GLY A 328 8.99 -15.49 13.95
C GLY A 328 9.16 -16.45 12.79
N ALA A 329 8.96 -17.75 13.04
CA ALA A 329 9.02 -18.73 11.95
C ALA A 329 8.00 -18.41 10.85
N ASP A 330 6.77 -18.09 11.24
CA ASP A 330 5.75 -17.71 10.26
C ASP A 330 6.19 -16.51 9.43
N PHE A 331 6.67 -15.45 10.09
CA PHE A 331 7.12 -14.29 9.33
C PHE A 331 8.20 -14.69 8.34
N ALA A 332 9.15 -15.52 8.78
CA ALA A 332 10.22 -15.96 7.90
C ALA A 332 9.67 -16.73 6.71
N THR A 333 8.66 -17.56 6.94
CA THR A 333 8.07 -18.33 5.85
C THR A 333 7.58 -17.42 4.73
N TYR A 334 6.86 -16.35 5.09
CA TYR A 334 6.30 -15.52 4.05
C TYR A 334 7.35 -14.63 3.40
N VAL A 335 8.32 -14.14 4.18
CA VAL A 335 9.45 -13.43 3.60
C VAL A 335 10.19 -14.33 2.59
N LYS A 336 10.54 -15.54 3.02
CA LYS A 336 11.25 -16.49 2.15
C LYS A 336 10.43 -16.86 0.93
N ARG A 337 9.11 -16.99 1.09
CA ARG A 337 8.26 -17.30 -0.06
C ARG A 337 8.31 -16.21 -1.11
N TRP A 338 8.23 -14.94 -0.68
CA TRP A 338 8.40 -13.84 -1.62
C TRP A 338 9.77 -13.94 -2.30
N LEU A 339 10.84 -14.03 -1.53
CA LEU A 339 12.22 -14.06 -2.11
C LEU A 339 12.44 -15.25 -3.05
N ASP A 340 11.96 -16.43 -2.70
CA ASP A 340 12.09 -17.65 -3.53
C ASP A 340 11.35 -17.50 -4.87
N ALA A 341 10.24 -16.77 -4.88
CA ALA A 341 9.43 -16.56 -6.10
C ALA A 341 9.88 -15.34 -6.93
N LYS A 342 10.60 -14.40 -6.32
CA LYS A 342 11.03 -13.20 -7.06
C LYS A 342 12.16 -13.52 -8.05
N PRO A 343 11.97 -13.14 -9.32
CA PRO A 343 12.97 -13.26 -10.35
C PRO A 343 14.16 -12.38 -9.96
N ALA A 344 15.34 -12.91 -10.22
CA ALA A 344 16.63 -12.31 -9.87
C ALA A 344 16.74 -10.87 -10.38
N ASN A 345 16.21 -10.58 -11.53
CA ASN A 345 16.34 -9.25 -12.09
C ASN A 345 15.29 -8.25 -11.57
N ARG A 346 14.49 -8.61 -10.56
CA ARG A 346 13.48 -7.70 -10.02
C ARG A 346 13.77 -7.38 -8.56
N ARG A 347 13.20 -6.28 -8.11
CA ARG A 347 13.45 -5.73 -6.79
C ARG A 347 12.34 -6.12 -5.83
N SER A 348 12.73 -6.46 -4.59
CA SER A 348 11.74 -6.71 -3.56
C SER A 348 11.15 -5.39 -3.04
N ASN A 349 9.97 -5.51 -2.43
CA ASN A 349 9.40 -4.41 -1.67
C ASN A 349 8.73 -4.99 -0.44
N TRP A 350 8.68 -4.19 0.60
CA TRP A 350 8.17 -4.64 1.89
C TRP A 350 7.14 -3.62 2.34
N VAL A 351 5.93 -4.10 2.64
CA VAL A 351 4.84 -3.21 3.03
C VAL A 351 3.95 -3.94 4.01
N LEU A 352 3.59 -3.25 5.10
CA LEU A 352 2.77 -3.84 6.15
C LEU A 352 1.63 -2.91 6.59
N GLY A 353 1.33 -1.88 5.80
CA GLY A 353 0.21 -1.02 6.13
C GLY A 353 -0.26 -0.27 4.91
N ASN A 354 -1.56 0.02 4.90
CA ASN A 354 -2.15 0.91 3.91
C ASN A 354 -3.53 1.31 4.42
N HIS A 355 -4.24 2.10 3.63
CA HIS A 355 -5.51 2.67 4.06
C HIS A 355 -6.65 1.66 4.08
N ASP A 356 -6.41 0.40 3.71
CA ASP A 356 -7.43 -0.64 3.75
C ASP A 356 -7.19 -1.67 4.84
N ASN A 357 -6.17 -1.48 5.66
CA ASN A 357 -5.85 -2.43 6.71
C ASN A 357 -5.80 -1.69 8.03
N ASN A 358 -6.11 -2.41 9.11
CA ASN A 358 -5.88 -1.84 10.41
C ASN A 358 -4.42 -1.43 10.52
N ARG A 359 -4.17 -0.37 11.26
CA ARG A 359 -2.81 0.10 11.44
C ARG A 359 -1.94 -1.02 11.98
N LEU A 360 -0.67 -0.97 11.60
CA LEU A 360 0.27 -2.04 11.88
C LEU A 360 0.37 -2.35 13.36
N GLY A 361 0.52 -1.33 14.21
CA GLY A 361 0.64 -1.60 15.64
C GLY A 361 -0.58 -2.28 16.21
N SER A 362 -1.77 -1.76 15.90
CA SER A 362 -3.00 -2.39 16.35
C SER A 362 -3.13 -3.80 15.80
N ARG A 363 -2.78 -3.99 14.52
CA ARG A 363 -3.07 -5.24 13.81
C ARG A 363 -2.13 -6.35 14.21
N LEU A 364 -0.85 -6.04 14.42
CA LEU A 364 0.18 -7.06 14.62
C LEU A 364 0.74 -7.06 16.04
N GLY A 365 0.32 -6.14 16.90
CA GLY A 365 0.77 -6.12 18.28
C GLY A 365 1.54 -4.86 18.62
N GLU A 366 0.99 -4.05 19.55
CA GLU A 366 1.58 -2.74 19.83
C GLU A 366 3.04 -2.82 20.25
N ASN A 367 3.44 -3.92 20.92
CA ASN A 367 4.82 -4.06 21.36
C ASN A 367 5.79 -4.24 20.19
N LYS A 368 5.29 -4.62 19.01
CA LYS A 368 6.15 -4.98 17.88
C LYS A 368 6.32 -3.84 16.87
N ILE A 369 5.91 -2.62 17.22
CA ILE A 369 5.99 -1.52 16.27
C ILE A 369 7.40 -1.35 15.75
N ASP A 370 8.41 -1.41 16.63
CA ASP A 370 9.78 -1.17 16.19
C ASP A 370 10.38 -2.39 15.50
N LEU A 371 10.11 -3.58 16.03
CA LEU A 371 10.48 -4.81 15.34
C LEU A 371 10.06 -4.76 13.87
N TYR A 372 8.81 -4.36 13.60
CA TYR A 372 8.32 -4.44 12.23
C TYR A 372 8.84 -3.29 11.38
N ASN A 373 9.01 -2.10 11.97
CA ASN A 373 9.67 -1.03 11.25
C ASN A 373 11.12 -1.41 10.94
N ILE A 374 11.79 -2.12 11.87
CA ILE A 374 13.16 -2.57 11.60
C ILE A 374 13.17 -3.52 10.41
N ALA A 375 12.31 -4.54 10.45
CA ALA A 375 12.21 -5.48 9.32
C ALA A 375 11.93 -4.74 8.01
N LEU A 376 10.90 -3.88 7.99
CA LEU A 376 10.52 -3.18 6.76
C LEU A 376 11.69 -2.41 6.17
N GLN A 377 12.56 -1.86 7.01
CA GLN A 377 13.61 -0.96 6.55
C GLN A 377 14.94 -1.66 6.29
N THR A 378 15.15 -2.89 6.78
CA THR A 378 16.44 -3.54 6.64
C THR A 378 16.41 -4.74 5.70
N LEU A 379 15.23 -5.23 5.35
CA LEU A 379 15.11 -6.20 4.28
C LEU A 379 15.50 -5.56 2.95
N PRO A 380 15.88 -6.35 1.95
CA PRO A 380 16.51 -5.78 0.74
C PRO A 380 15.56 -4.94 -0.13
N ASP A 381 16.13 -3.89 -0.73
CA ASP A 381 15.54 -3.12 -1.81
C ASP A 381 14.56 -2.05 -1.34
N ILE A 382 13.25 -2.24 -1.54
CA ILE A 382 12.27 -1.16 -1.41
C ILE A 382 11.49 -1.28 -0.11
N ALA A 383 11.37 -0.18 0.63
CA ALA A 383 10.64 -0.13 1.89
C ALA A 383 9.45 0.83 1.76
N VAL A 384 8.27 0.39 2.20
CA VAL A 384 7.05 1.19 2.10
C VAL A 384 6.57 1.57 3.49
N THR A 385 6.16 2.82 3.65
CA THR A 385 5.64 3.35 4.91
C THR A 385 4.23 3.90 4.69
N TYR A 386 3.27 3.42 5.48
CA TYR A 386 1.95 4.00 5.49
C TYR A 386 1.93 5.14 6.51
N TYR A 387 1.38 6.29 6.13
CA TYR A 387 1.50 7.49 6.96
C TYR A 387 1.13 7.21 8.41
N GLY A 388 1.97 7.71 9.32
CA GLY A 388 1.78 7.49 10.73
C GLY A 388 2.46 6.27 11.30
N GLU A 389 2.84 5.30 10.45
CA GLU A 389 3.56 4.13 10.94
C GLU A 389 4.89 4.52 11.59
N GLU A 390 5.46 5.65 11.16
CA GLU A 390 6.77 6.09 11.65
C GLU A 390 6.70 6.68 13.05
N ILE A 391 5.50 7.02 13.55
CA ILE A 391 5.31 7.42 14.93
C ILE A 391 4.53 6.38 15.72
N GLY A 392 4.28 5.22 15.13
CA GLY A 392 3.49 4.21 15.81
C GLY A 392 2.04 4.58 16.04
N MET A 393 1.39 5.24 15.08
CA MET A 393 -0.05 5.47 15.25
C MET A 393 -0.81 4.16 15.40
N LEU A 394 -1.90 4.23 16.17
CA LEU A 394 -2.79 3.09 16.36
C LEU A 394 -4.20 3.43 15.88
N ASP A 395 -4.96 2.38 15.60
CA ASP A 395 -6.36 2.55 15.21
C ASP A 395 -7.13 3.30 16.28
N GLN A 396 -8.13 4.07 15.84
CA GLN A 396 -9.05 4.74 16.74
C GLN A 396 -10.43 4.18 16.49
N TRP A 397 -11.04 3.62 17.52
CA TRP A 397 -12.44 3.23 17.42
C TRP A 397 -13.29 4.47 17.18
N ILE A 398 -14.21 4.36 16.23
CA ILE A 398 -15.07 5.46 15.80
C ILE A 398 -16.51 5.00 15.90
N PRO A 399 -17.41 5.76 16.52
CA PRO A 399 -18.80 5.32 16.64
C PRO A 399 -19.47 5.17 15.28
N TRP A 400 -20.49 4.34 15.23
CA TRP A 400 -21.29 4.04 14.03
C TRP A 400 -21.79 5.33 13.37
N ASN A 401 -22.21 6.30 14.18
CA ASN A 401 -22.77 7.56 13.65
C ASN A 401 -21.70 8.40 12.95
N GLU A 402 -20.45 8.28 13.36
CA GLU A 402 -19.35 9.08 12.79
C GLU A 402 -18.61 8.29 11.71
N THR A 403 -18.87 7.00 11.58
CA THR A 403 -18.16 6.25 10.56
C THR A 403 -18.69 6.61 9.17
N VAL A 404 -17.80 6.66 8.18
CA VAL A 404 -18.21 7.02 6.82
C VAL A 404 -17.89 5.95 5.79
N ASP A 405 -16.94 5.05 6.06
CA ASP A 405 -16.52 4.02 5.12
C ASP A 405 -17.71 3.16 4.71
N PRO A 406 -18.05 3.08 3.43
CA PRO A 406 -19.20 2.25 3.01
C PRO A 406 -19.04 0.78 3.38
N ALA A 407 -17.81 0.27 3.50
CA ALA A 407 -17.67 -1.10 3.95
C ALA A 407 -18.20 -1.27 5.37
N ALA A 408 -18.19 -0.21 6.18
CA ALA A 408 -18.82 -0.26 7.50
C ALA A 408 -20.32 -0.02 7.41
N CYS A 409 -20.74 1.00 6.67
CA CYS A 409 -22.14 1.38 6.64
C CYS A 409 -23.01 0.33 5.95
N ARG A 410 -22.44 -0.45 5.03
CA ARG A 410 -23.13 -1.59 4.44
C ARG A 410 -23.19 -2.78 5.38
N SER A 411 -22.67 -2.64 6.60
CA SER A 411 -22.77 -3.67 7.62
C SER A 411 -23.86 -3.25 8.62
N ASP A 412 -23.64 -3.25 9.92
CA ASP A 412 -24.67 -2.86 10.86
C ASP A 412 -24.02 -2.45 12.16
N GLU A 413 -24.79 -1.70 12.97
CA GLU A 413 -24.24 -1.17 14.22
C GLU A 413 -23.61 -2.26 15.05
N ALA A 414 -24.11 -3.49 14.97
CA ALA A 414 -23.59 -4.54 15.82
C ALA A 414 -22.18 -4.95 15.42
N SER A 415 -21.81 -4.78 14.17
CA SER A 415 -20.63 -5.47 13.66
C SER A 415 -19.89 -4.72 12.56
N TYR A 416 -20.07 -3.40 12.46
CA TYR A 416 -19.33 -2.61 11.47
C TYR A 416 -17.84 -2.55 11.76
N SER A 417 -17.42 -2.72 13.02
CA SER A 417 -16.00 -2.65 13.32
C SER A 417 -15.19 -3.79 12.70
N ALA A 418 -15.82 -4.89 12.34
CA ALA A 418 -15.06 -5.92 11.62
C ALA A 418 -14.58 -5.39 10.27
N TYR A 419 -15.41 -4.54 9.65
CA TYR A 419 -15.26 -4.14 8.26
C TYR A 419 -14.64 -2.75 8.07
N SER A 420 -14.72 -1.86 9.05
CA SER A 420 -14.46 -0.45 8.79
C SER A 420 -12.97 -0.17 8.61
N ARG A 421 -12.66 0.64 7.62
CA ARG A 421 -11.29 1.07 7.42
C ARG A 421 -11.04 2.43 8.05
N ASP A 422 -12.10 3.10 8.50
CA ASP A 422 -11.93 4.43 9.09
C ASP A 422 -10.97 4.45 10.28
N PRO A 423 -10.96 3.46 11.21
CA PRO A 423 -10.02 3.53 12.33
C PRO A 423 -8.58 3.71 11.93
N ALA A 424 -8.21 3.31 10.71
CA ALA A 424 -6.85 3.49 10.23
C ALA A 424 -6.66 4.75 9.38
N ARG A 425 -7.71 5.58 9.23
CA ARG A 425 -7.62 6.73 8.35
C ARG A 425 -7.74 8.04 9.10
N THR A 426 -7.43 8.07 10.41
CA THR A 426 -7.68 9.28 11.18
C THR A 426 -6.57 10.30 10.95
N PRO A 427 -6.78 11.56 11.30
CA PRO A 427 -5.79 12.60 11.01
C PRO A 427 -4.39 12.30 11.55
N MET A 428 -3.39 12.61 10.73
CA MET A 428 -2.00 12.49 11.13
C MET A 428 -1.74 13.34 12.37
N GLN A 429 -0.93 12.81 13.28
CA GLN A 429 -0.76 13.39 14.61
C GLN A 429 0.56 14.15 14.62
N TRP A 430 0.48 15.46 14.32
CA TRP A 430 1.67 16.27 14.16
C TRP A 430 2.20 16.79 15.50
N ASP A 431 1.31 17.27 16.37
CA ASP A 431 1.73 17.85 17.64
C ASP A 431 0.59 17.72 18.64
N SER A 432 0.76 18.30 19.83
CA SER A 432 -0.23 18.19 20.90
CA SER A 432 -0.23 18.19 20.90
C SER A 432 -1.27 19.30 20.87
N GLY A 433 -1.24 20.17 19.87
CA GLY A 433 -2.21 21.23 19.78
C GLY A 433 -3.54 20.75 19.26
N LYS A 434 -4.41 21.72 18.96
CA LYS A 434 -5.75 21.43 18.45
C LYS A 434 -5.70 20.47 17.27
N ASN A 435 -6.54 19.43 17.33
CA ASN A 435 -6.64 18.41 16.27
C ASN A 435 -5.30 17.77 15.96
N ALA A 436 -4.45 17.66 16.98
CA ALA A 436 -3.09 17.15 16.82
C ALA A 436 -2.30 17.94 15.79
N GLY A 437 -2.70 19.18 15.53
CA GLY A 437 -2.03 20.03 14.57
C GLY A 437 -2.36 19.71 13.12
N PHE A 438 -3.38 18.90 12.89
CA PHE A 438 -3.83 18.56 11.54
C PHE A 438 -4.76 19.61 10.96
N SER A 439 -5.48 20.33 11.82
CA SER A 439 -6.50 21.25 11.35
C SER A 439 -6.83 22.23 12.47
N LYS A 440 -7.20 23.44 12.07
CA LYS A 440 -7.72 24.41 13.02
C LYS A 440 -9.23 24.36 13.13
N ALA A 441 -9.90 23.48 12.39
CA ALA A 441 -11.35 23.47 12.34
C ALA A 441 -11.94 22.91 13.62
N ALA A 442 -13.22 23.21 13.85
CA ALA A 442 -13.88 22.72 15.05
C ALA A 442 -14.10 21.22 14.99
N LYS A 443 -14.36 20.69 13.79
CA LYS A 443 -14.55 19.26 13.58
C LYS A 443 -13.67 18.82 12.41
N THR A 444 -13.11 17.62 12.51
CA THR A 444 -12.35 17.04 11.41
C THR A 444 -13.18 15.90 10.79
N TRP A 445 -12.88 15.61 9.52
CA TRP A 445 -13.75 14.73 8.73
C TRP A 445 -13.85 13.34 9.35
N LEU A 446 -12.78 12.87 9.98
CA LEU A 446 -12.77 11.74 10.90
C LEU A 446 -12.15 12.22 12.20
N PRO A 447 -12.51 11.61 13.35
CA PRO A 447 -11.98 12.09 14.63
C PRO A 447 -10.48 11.83 14.75
N VAL A 448 -9.78 12.81 15.33
CA VAL A 448 -8.41 12.61 15.78
C VAL A 448 -8.38 11.54 16.88
N ALA A 449 -7.36 10.67 16.82
CA ALA A 449 -7.24 9.61 17.84
C ALA A 449 -7.11 10.22 19.23
N ASP A 450 -7.72 9.54 20.21
CA ASP A 450 -7.73 10.04 21.59
C ASP A 450 -6.35 10.11 22.22
N ASN A 451 -5.37 9.38 21.70
CA ASN A 451 -4.03 9.36 22.29
C ASN A 451 -3.16 10.55 21.88
N TYR A 452 -3.68 11.50 21.10
CA TYR A 452 -2.83 12.37 20.30
C TYR A 452 -1.88 13.24 21.13
N LYS A 453 -2.29 13.66 22.33
CA LYS A 453 -1.41 14.53 23.14
C LYS A 453 -0.08 13.85 23.47
N THR A 454 -0.04 12.53 23.54
CA THR A 454 1.18 11.83 23.90
C THR A 454 1.75 11.02 22.74
N LEU A 455 1.07 10.99 21.58
CA LEU A 455 1.57 10.29 20.39
C LEU A 455 1.50 11.27 19.22
N ASN A 456 2.61 11.91 18.91
CA ASN A 456 2.64 12.83 17.78
C ASN A 456 4.09 13.04 17.38
N VAL A 457 4.26 13.65 16.21
CA VAL A 457 5.59 13.82 15.62
C VAL A 457 6.46 14.68 16.52
N LYS A 458 5.99 15.83 16.99
CA LYS A 458 6.76 16.81 17.79
C LYS A 458 7.33 16.21 19.07
N ILE A 459 6.50 15.51 19.81
CA ILE A 459 6.89 14.88 21.08
C ILE A 459 7.93 13.78 20.84
N GLN A 460 7.83 13.05 19.74
CA GLN A 460 8.75 11.94 19.41
C GLN A 460 10.06 12.52 18.94
N ASP A 461 9.97 13.68 18.30
CA ASP A 461 11.12 14.42 17.79
C ASP A 461 12.03 14.89 18.93
N ARG A 462 11.43 15.24 20.05
CA ARG A 462 12.20 15.74 21.19
C ARG A 462 12.64 14.61 22.11
N ALA A 463 12.02 13.42 22.03
CA ALA A 463 12.37 12.36 22.98
C ALA A 463 13.73 11.75 22.63
N ARG A 464 14.41 11.22 23.66
CA ARG A 464 15.69 10.56 23.43
C ARG A 464 15.52 9.34 22.55
N LYS A 465 14.59 8.45 22.92
CA LYS A 465 14.21 7.28 22.15
C LYS A 465 12.70 7.32 21.95
N SER A 466 12.26 6.91 20.77
CA SER A 466 10.88 7.04 20.32
C SER A 466 10.77 6.34 18.97
N HIS A 467 9.54 5.98 18.57
CA HIS A 467 9.37 5.28 17.30
C HIS A 467 9.95 6.09 16.14
N LEU A 468 9.73 7.41 16.17
CA LEU A 468 10.19 8.26 15.07
C LEU A 468 11.71 8.31 15.01
N LYS A 469 12.38 8.39 16.16
CA LYS A 469 13.84 8.40 16.11
C LYS A 469 14.39 7.06 15.66
N ILE A 470 13.77 5.95 16.09
CA ILE A 470 14.16 4.65 15.56
C ILE A 470 13.94 4.60 14.05
N PHE A 471 12.76 5.04 13.61
CA PHE A 471 12.45 5.07 12.19
C PHE A 471 13.48 5.87 11.40
N LYS A 472 13.75 7.11 11.86
CA LYS A 472 14.68 7.97 11.14
C LYS A 472 16.08 7.39 11.11
N LYS A 473 16.46 6.73 12.18
CA LYS A 473 17.78 6.07 12.18
C LYS A 473 17.79 4.96 11.13
N LEU A 474 16.69 4.26 10.94
CA LEU A 474 16.65 3.17 9.97
C LEU A 474 16.71 3.71 8.54
N THR A 475 15.91 4.74 8.22
CA THR A 475 15.89 5.21 6.83
C THR A 475 17.21 5.84 6.43
N LYS A 476 17.98 6.35 7.39
CA LYS A 476 19.31 6.86 7.08
C LYS A 476 20.31 5.72 6.94
N TYR A 477 20.32 4.80 7.93
CA TYR A 477 21.30 3.73 7.94
C TYR A 477 21.14 2.77 6.77
N ARG A 478 19.92 2.62 6.24
CA ARG A 478 19.73 1.65 5.15
C ARG A 478 20.35 2.15 3.85
N LYS A 479 20.62 3.45 3.77
CA LYS A 479 21.18 4.02 2.56
C LYS A 479 22.70 3.90 2.49
N ARG A 480 23.32 3.33 3.52
CA ARG A 480 24.74 3.03 3.44
C ARG A 480 24.95 1.73 2.68
N GLN A 481 26.22 1.47 2.32
CA GLN A 481 26.53 0.46 1.33
C GLN A 481 26.09 -0.94 1.75
N ILE A 482 26.19 -1.27 3.03
CA ILE A 482 25.89 -2.64 3.43
C ILE A 482 24.43 -2.98 3.20
N LEU A 483 23.53 -2.15 3.72
CA LEU A 483 22.11 -2.43 3.54
C LEU A 483 21.62 -2.07 2.15
N THR A 484 22.42 -1.33 1.37
CA THR A 484 22.07 -1.02 -0.01
C THR A 484 22.45 -2.15 -0.95
N GLU A 485 23.63 -2.75 -0.74
CA GLU A 485 24.24 -3.67 -1.68
C GLU A 485 24.37 -5.08 -1.16
N GLY A 486 24.02 -5.33 0.09
CA GLY A 486 24.30 -6.60 0.70
C GLY A 486 23.33 -7.68 0.28
N ASP A 487 23.82 -8.92 0.36
CA ASP A 487 22.97 -10.08 0.12
C ASP A 487 22.01 -10.23 1.29
N ILE A 488 21.37 -11.39 1.41
CA ILE A 488 20.60 -11.69 2.60
C ILE A 488 20.68 -13.19 2.87
N ASP A 489 20.79 -13.53 4.15
CA ASP A 489 20.96 -14.90 4.64
C ASP A 489 20.09 -15.04 5.87
N ILE A 490 18.97 -15.76 5.73
CA ILE A 490 17.91 -15.79 6.73
C ILE A 490 18.02 -17.07 7.53
N LYS A 491 17.97 -16.94 8.86
CA LYS A 491 18.02 -18.05 9.79
C LYS A 491 16.94 -17.88 10.85
N VAL A 492 16.37 -18.99 11.31
CA VAL A 492 15.35 -18.98 12.35
C VAL A 492 15.81 -19.87 13.49
N SER A 493 15.90 -19.31 14.69
CA SER A 493 16.24 -20.07 15.88
C SER A 493 14.98 -20.28 16.71
N GLY A 494 14.57 -21.54 16.87
CA GLY A 494 13.35 -21.82 17.60
C GLY A 494 12.14 -21.44 16.77
N GLU A 495 11.05 -21.09 17.44
CA GLU A 495 9.87 -20.61 16.75
C GLU A 495 9.86 -19.10 16.54
N ASN A 496 10.63 -18.33 17.31
CA ASN A 496 10.35 -16.91 17.37
C ASN A 496 11.54 -15.98 17.16
N LEU A 497 12.76 -16.49 17.04
CA LEU A 497 13.94 -15.65 16.83
C LEU A 497 14.30 -15.71 15.35
N LEU A 498 13.93 -14.67 14.62
CA LEU A 498 14.33 -14.51 13.23
C LEU A 498 15.58 -13.66 13.17
N VAL A 499 16.61 -14.16 12.51
CA VAL A 499 17.88 -13.46 12.36
C VAL A 499 18.24 -13.48 10.88
N TYR A 500 18.75 -12.37 10.36
CA TYR A 500 19.27 -12.41 9.01
C TYR A 500 20.50 -11.52 8.88
N LYS A 501 21.45 -11.99 8.07
CA LYS A 501 22.72 -11.34 7.84
C LYS A 501 22.75 -10.77 6.43
N ARG A 502 23.26 -9.56 6.30
CA ARG A 502 23.42 -8.90 5.01
C ARG A 502 24.86 -8.42 4.92
N LYS A 503 25.59 -8.90 3.90
CA LYS A 503 27.03 -8.74 3.80
C LYS A 503 27.43 -8.09 2.48
N VAL A 504 28.44 -7.22 2.56
CA VAL A 504 29.15 -6.73 1.38
C VAL A 504 30.63 -6.99 1.60
N ASP A 505 31.24 -7.77 0.70
CA ASP A 505 32.64 -8.15 0.88
C ASP A 505 33.53 -6.92 0.93
N LYS A 506 34.57 -6.99 1.77
CA LYS A 506 35.54 -5.91 1.99
C LYS A 506 34.93 -4.68 2.65
N VAL A 507 33.61 -4.68 2.88
CA VAL A 507 32.93 -3.57 3.56
C VAL A 507 32.44 -3.99 4.95
N GLY A 508 31.56 -4.99 5.01
CA GLY A 508 31.10 -5.46 6.30
C GLY A 508 29.80 -6.22 6.18
N TYR A 509 29.16 -6.41 7.33
CA TYR A 509 27.89 -7.13 7.36
C TYR A 509 27.02 -6.60 8.50
N VAL A 510 25.71 -6.66 8.29
CA VAL A 510 24.73 -6.26 9.28
C VAL A 510 23.96 -7.50 9.68
N VAL A 511 23.66 -7.62 10.96
CA VAL A 511 22.83 -8.68 11.49
C VAL A 511 21.59 -8.03 12.10
N VAL A 512 20.43 -8.43 11.61
CA VAL A 512 19.15 -8.04 12.19
C VAL A 512 18.66 -9.23 13.00
N ALA A 513 18.26 -9.00 14.25
CA ALA A 513 17.68 -10.04 15.09
C ALA A 513 16.31 -9.56 15.58
N LEU A 514 15.27 -10.32 15.26
CA LEU A 514 13.91 -9.98 15.62
C LEU A 514 13.37 -11.07 16.52
N ASN A 515 12.98 -10.71 17.74
CA ASN A 515 12.43 -11.67 18.70
C ASN A 515 10.93 -11.44 18.74
N PHE A 516 10.19 -12.26 18.04
CA PHE A 516 8.71 -12.18 17.99
C PHE A 516 8.09 -12.73 19.28
N GLY A 517 8.80 -13.57 20.03
CA GLY A 517 8.24 -14.17 21.25
C GLY A 517 8.21 -13.24 22.45
N THR A 518 7.48 -13.62 23.48
CA THR A 518 7.39 -12.85 24.73
C THR A 518 8.61 -13.08 25.62
N GLU A 519 9.26 -14.20 25.48
CA GLU A 519 10.41 -14.47 26.36
C GLU A 519 11.69 -13.87 25.80
N PRO A 520 12.60 -13.40 26.65
CA PRO A 520 13.90 -12.92 26.21
C PRO A 520 14.71 -14.10 25.69
N VAL A 521 15.59 -13.85 24.74
CA VAL A 521 16.36 -14.99 24.17
C VAL A 521 17.79 -14.60 23.83
N ALA A 522 18.72 -15.50 24.05
CA ALA A 522 20.10 -15.25 23.65
C ALA A 522 20.24 -15.45 22.15
N LEU A 523 21.02 -14.59 21.50
CA LEU A 523 21.08 -14.62 20.05
C LEU A 523 21.76 -15.88 19.56
N GLY A 524 22.88 -16.27 20.19
CA GLY A 524 23.57 -17.49 19.83
C GLY A 524 23.92 -17.52 18.35
N LEU A 525 24.47 -16.40 17.84
CA LEU A 525 24.72 -16.29 16.42
C LEU A 525 25.76 -17.29 15.93
N SER A 526 26.73 -17.63 16.78
CA SER A 526 27.76 -18.59 16.37
C SER A 526 27.17 -19.95 16.01
N SER A 527 26.02 -20.30 16.58
CA SER A 527 25.31 -21.52 16.23
C SER A 527 24.31 -21.32 15.09
N LEU A 528 24.32 -20.15 14.46
CA LEU A 528 23.42 -19.89 13.34
C LEU A 528 24.15 -19.58 12.05
N PHE A 529 25.26 -18.84 12.12
CA PHE A 529 26.09 -18.54 10.96
C PHE A 529 27.48 -19.12 11.15
N ASP A 530 28.16 -19.42 10.05
CA ASP A 530 29.57 -19.85 10.18
C ASP A 530 30.32 -18.65 10.74
N ARG A 531 30.13 -17.52 10.05
CA ARG A 531 30.67 -16.16 10.31
C ARG A 531 30.92 -15.93 11.80
N ALA A 532 32.15 -15.55 12.17
CA ALA A 532 32.44 -15.29 13.59
C ALA A 532 32.20 -13.82 13.93
N ASP A 533 33.22 -13.20 14.51
CA ASP A 533 33.20 -11.88 15.16
C ASP A 533 32.44 -12.09 16.47
N GLN A 534 33.18 -12.27 17.56
CA GLN A 534 32.47 -12.58 18.79
C GLN A 534 31.60 -11.42 19.23
N ARG A 535 31.95 -10.22 18.80
CA ARG A 535 31.27 -9.01 19.25
C ARG A 535 30.82 -8.20 18.04
N MET A 536 29.64 -7.60 18.15
CA MET A 536 29.16 -6.69 17.12
C MET A 536 28.63 -5.42 17.78
N GLN A 537 28.56 -4.36 16.97
CA GLN A 537 28.19 -3.02 17.43
C GLN A 537 26.70 -2.76 17.22
N VAL A 538 26.06 -2.17 18.22
CA VAL A 538 24.62 -1.95 18.17
C VAL A 538 24.36 -0.72 17.33
N VAL A 539 23.53 -0.87 16.30
CA VAL A 539 23.14 0.25 15.44
C VAL A 539 21.88 0.90 15.94
N VAL A 540 20.84 0.11 16.21
CA VAL A 540 19.54 0.64 16.64
C VAL A 540 18.77 -0.52 17.24
N SER A 541 17.78 -0.20 18.07
CA SER A 541 17.01 -1.23 18.75
C SER A 541 15.61 -0.71 19.06
N SER A 542 14.73 -1.66 19.39
CA SER A 542 13.36 -1.36 19.80
C SER A 542 13.33 -0.46 21.03
N ASN A 543 12.23 0.29 21.16
CA ASN A 543 12.10 1.33 22.17
C ASN A 543 12.37 0.81 23.57
N ARG A 544 11.96 -0.42 23.85
CA ARG A 544 12.10 -0.98 25.20
C ARG A 544 13.46 -1.61 25.44
N VAL A 545 14.27 -1.83 24.40
CA VAL A 545 15.62 -2.34 24.62
C VAL A 545 16.44 -1.29 25.36
N SER A 546 17.11 -1.71 26.43
CA SER A 546 17.87 -0.76 27.25
C SER A 546 19.31 -0.62 26.80
N THR A 547 19.80 -1.53 25.95
CA THR A 547 21.16 -1.50 25.45
C THR A 547 21.41 -0.17 24.74
N PRO A 548 22.37 0.64 25.17
CA PRO A 548 22.64 1.91 24.48
C PRO A 548 23.17 1.67 23.07
N ASP A 549 22.83 2.59 22.16
CA ASP A 549 23.37 2.58 20.80
C ASP A 549 24.89 2.58 20.86
N ASN A 550 25.51 1.92 19.88
CA ASN A 550 26.93 2.01 19.54
C ASN A 550 27.84 1.23 20.49
N VAL A 551 27.31 0.57 21.52
CA VAL A 551 28.12 -0.30 22.35
C VAL A 551 28.33 -1.60 21.61
N TRP A 552 29.27 -2.42 22.08
CA TRP A 552 29.50 -3.74 21.50
C TRP A 552 28.89 -4.81 22.40
N VAL A 553 28.33 -5.84 21.78
CA VAL A 553 27.69 -6.93 22.50
C VAL A 553 28.24 -8.26 22.02
N ASP A 554 28.16 -9.25 22.89
CA ASP A 554 28.56 -10.59 22.53
C ASP A 554 27.47 -11.26 21.71
N VAL A 555 27.79 -11.69 20.49
CA VAL A 555 26.78 -12.23 19.59
C VAL A 555 26.18 -13.53 20.09
N ASP A 556 26.83 -14.21 21.03
CA ASP A 556 26.26 -15.46 21.51
C ASP A 556 25.41 -15.26 22.76
N ASN A 557 25.84 -14.37 23.65
CA ASN A 557 25.24 -14.26 24.97
C ASN A 557 24.23 -13.12 25.10
N TYR A 558 24.28 -12.14 24.20
CA TYR A 558 23.32 -11.05 24.25
C TYR A 558 21.90 -11.61 24.29
N VAL A 559 21.09 -11.06 25.19
CA VAL A 559 19.72 -11.47 25.38
C VAL A 559 18.83 -10.40 24.80
N LEU A 560 18.06 -10.76 23.76
CA LEU A 560 17.11 -9.84 23.15
C LEU A 560 15.77 -10.01 23.83
N ILE A 561 15.24 -8.92 24.39
CA ILE A 561 13.97 -9.00 25.13
C ILE A 561 12.83 -9.27 24.16
N GLY A 562 11.69 -9.68 24.73
CA GLY A 562 10.59 -10.13 23.91
C GLY A 562 10.03 -9.03 23.02
N GLU A 563 9.50 -9.43 21.88
CA GLU A 563 8.79 -8.54 20.97
C GLU A 563 9.67 -7.36 20.56
N SER A 564 10.95 -7.63 20.34
CA SER A 564 11.89 -6.54 20.12
C SER A 564 12.86 -6.94 19.03
N GLY A 565 13.49 -5.92 18.44
CA GLY A 565 14.51 -6.14 17.44
C GLY A 565 15.73 -5.30 17.72
N ILE A 566 16.83 -5.71 17.12
CA ILE A 566 18.10 -5.02 17.24
C ILE A 566 18.83 -5.15 15.92
N VAL A 567 19.53 -4.10 15.52
CA VAL A 567 20.34 -4.11 14.30
C VAL A 567 21.80 -4.03 14.73
N LEU A 568 22.61 -5.00 14.29
CA LEU A 568 24.01 -5.12 14.66
C LEU A 568 24.89 -5.02 13.43
N GLN A 569 26.08 -4.47 13.63
CA GLN A 569 27.00 -4.08 12.58
C GLN A 569 28.39 -4.65 12.89
N TYR A 570 29.13 -5.00 11.83
CA TYR A 570 30.57 -5.23 11.93
C TYR A 570 31.22 -4.79 10.63
N LEU A 571 32.19 -3.88 10.74
CA LEU A 571 32.82 -3.24 9.58
C LEU A 571 34.21 -3.77 9.33
N TRP A 572 34.48 -4.13 8.08
CA TRP A 572 35.84 -4.39 7.62
C TRP A 572 36.47 -3.14 7.02
N GLY A 573 35.69 -2.36 6.27
CA GLY A 573 36.12 -1.06 5.78
C GLY A 573 35.11 0.02 6.11
N LYS A 574 35.15 1.14 5.39
CA LYS A 574 34.13 2.16 5.58
C LYS A 574 32.81 1.73 4.96
N ASN A 575 31.71 2.20 5.55
CA ASN A 575 30.35 1.88 5.12
C ASN A 575 29.70 3.20 4.72
N PRO A 576 30.06 3.76 3.56
CA PRO A 576 29.60 5.10 3.21
C PRO A 576 28.13 5.12 2.82
N ILE A 577 27.53 6.30 2.99
CA ILE A 577 26.25 6.54 2.34
C ILE A 577 26.44 6.41 0.84
N VAL A 578 25.62 5.57 0.23
CA VAL A 578 25.61 5.40 -1.21
C VAL A 578 24.42 6.19 -1.74
N SER A 579 24.68 7.12 -2.66
CA SER A 579 23.65 8.06 -3.07
C SER A 579 23.00 7.69 -4.40
#